data_1EOL
#
_entry.id   1EOL
#
_cell.length_a   71.100
_cell.length_b   71.900
_cell.length_c   73.300
_cell.angle_alpha   90.00
_cell.angle_beta   100.50
_cell.angle_gamma   90.00
#
_symmetry.space_group_name_H-M   'C 1 2 1'
#
loop_
_entity.id
_entity.type
_entity.pdbx_description
1 polymer 'ALPHA THROMBIN'
2 polymer 'THROMBIN INHIBITOR P628'
3 water water
#
loop_
_entity_poly.entity_id
_entity_poly.type
_entity_poly.pdbx_seq_one_letter_code
_entity_poly.pdbx_strand_id
1 'polypeptide(L)'
;GGADCGLRPLFEKKSLEDKTERELLESYIDGRIVEGSDAEIGMSPWQVMLFRKSPQELLCGASLISDRWVLTAAHCLLYP
PWDKNFTENDLLVRIGKHSRTRYERNIEKISMLEKIYIHPRYNWRENLDRDIALMKLKKPVAFSDYIHPVCLPDRETAAS
LLQAGYKGRVTGWGNLKETWTANVGKGQPSVLQVVNLPIVERPVCKDSTRIRITDNMFCAGYKPDEGKRGDACEGDSGGP
FVMKSPFNNRWYQMGIVSWGEGCDRDGKYGFYTHVFRLKKWIQKVIDQF
;
A
2 'polypeptide(L)' (BBS)R(CPI)(NLE)(DOA)DYEPIPEEAA B
#
loop_
_chem_comp.id
_chem_comp.type
_chem_comp.name
_chem_comp.formula
BBS non-polymer '4-TERT-BUTYLBENZENESULFONIC ACID' 'C10 H14 O3 S'
#
# COMPACT_ATOMS: atom_id res chain seq x y z
N GLY A 1 16.91 -2.69 -7.53
CA GLY A 1 16.50 -4.12 -7.45
C GLY A 1 15.12 -4.32 -8.04
N GLY A 2 14.93 -5.39 -8.79
CA GLY A 2 13.63 -5.65 -9.40
C GLY A 2 13.57 -6.96 -10.18
N ALA A 3 14.64 -7.75 -10.13
CA ALA A 3 14.69 -9.02 -10.84
C ALA A 3 14.35 -10.12 -9.84
N ASP A 4 14.51 -9.78 -8.56
CA ASP A 4 14.23 -10.70 -7.48
C ASP A 4 13.00 -10.18 -6.74
N CYS A 5 12.26 -9.28 -7.39
CA CYS A 5 11.08 -8.69 -6.79
C CYS A 5 10.00 -9.71 -6.45
N GLY A 6 9.22 -9.40 -5.41
CA GLY A 6 8.13 -10.25 -5.00
C GLY A 6 8.46 -11.56 -4.35
N LEU A 7 9.74 -11.89 -4.18
CA LEU A 7 10.13 -13.13 -3.52
C LEU A 7 10.68 -12.75 -2.15
N ARG A 8 9.92 -13.06 -1.11
CA ARG A 8 10.29 -12.73 0.26
C ARG A 8 11.37 -13.63 0.86
N PRO A 9 12.43 -13.02 1.43
CA PRO A 9 13.56 -13.73 2.04
C PRO A 9 13.13 -14.79 3.07
N LEU A 10 12.17 -14.45 3.93
CA LEU A 10 11.72 -15.38 4.96
C LEU A 10 10.62 -16.35 4.56
N PHE A 11 10.12 -16.23 3.34
CA PHE A 11 9.06 -17.14 2.90
C PHE A 11 9.37 -17.85 1.60
N GLU A 12 9.15 -17.20 0.46
CA GLU A 12 9.42 -17.84 -0.83
C GLU A 12 10.83 -18.37 -0.98
N LYS A 13 11.82 -17.57 -0.58
CA LYS A 13 13.22 -17.98 -0.70
C LYS A 13 13.57 -19.22 0.11
N LYS A 14 12.78 -19.51 1.14
CA LYS A 14 13.01 -20.66 2.02
C LYS A 14 11.95 -21.74 1.82
N SER A 15 11.03 -21.49 0.90
CA SER A 15 9.94 -22.41 0.60
C SER A 15 8.95 -22.53 1.77
N LEU A 16 8.80 -21.44 2.51
CA LEU A 16 7.87 -21.39 3.63
C LEU A 16 6.70 -20.51 3.26
N GLU A 17 5.52 -20.89 3.71
CA GLU A 17 4.32 -20.12 3.40
C GLU A 17 3.80 -19.40 4.64
N ASP A 18 3.21 -18.23 4.43
CA ASP A 18 2.66 -17.50 5.55
C ASP A 18 1.28 -18.08 5.91
N LYS A 19 0.78 -17.71 7.08
CA LYS A 19 -0.50 -18.21 7.60
C LYS A 19 -1.74 -18.08 6.70
N THR A 20 -1.83 -17.02 5.91
CA THR A 20 -3.04 -16.86 5.09
C THR A 20 -2.88 -16.76 3.58
N GLU A 21 -1.70 -17.04 3.04
CA GLU A 21 -1.56 -16.93 1.59
C GLU A 21 -2.36 -17.99 0.81
N ARG A 22 -2.66 -19.11 1.46
CA ARG A 22 -3.43 -20.19 0.82
C ARG A 22 -4.83 -19.67 0.48
N GLU A 23 -5.33 -18.75 1.30
CA GLU A 23 -6.65 -18.16 1.10
C GLU A 23 -6.69 -17.39 -0.23
N LEU A 24 -5.59 -16.74 -0.57
CA LEU A 24 -5.50 -15.98 -1.81
C LEU A 24 -5.46 -16.95 -2.99
N LEU A 25 -4.56 -17.93 -2.92
CA LEU A 25 -4.41 -18.91 -3.99
C LEU A 25 -5.67 -19.71 -4.25
N GLU A 26 -6.43 -20.00 -3.21
CA GLU A 26 -7.65 -20.76 -3.38
C GLU A 26 -8.79 -19.97 -4.04
N SER A 27 -8.67 -18.65 -4.05
CA SER A 27 -9.68 -17.80 -4.66
C SER A 27 -9.42 -17.60 -6.15
N TYR A 28 -8.21 -17.90 -6.60
CA TYR A 28 -7.85 -17.73 -8.00
C TYR A 28 -8.47 -18.85 -8.85
N ILE A 29 -9.74 -18.62 -9.19
CA ILE A 29 -10.62 -19.53 -9.94
C ILE A 29 -11.34 -20.41 -8.94
N ILE A 33 -6.26 -0.91 9.64
CA ILE A 33 -6.89 -2.11 9.05
C ILE A 33 -7.97 -2.54 10.03
N VAL A 34 -9.19 -2.71 9.55
CA VAL A 34 -10.29 -3.14 10.39
C VAL A 34 -10.53 -4.62 10.15
N GLU A 35 -10.67 -5.37 11.25
CA GLU A 35 -10.91 -6.81 11.23
C GLU A 35 -9.78 -7.63 10.64
N GLY A 36 -8.56 -7.13 10.79
CA GLY A 36 -7.41 -7.85 10.29
C GLY A 36 -6.71 -8.60 11.42
N SER A 37 -5.46 -8.98 11.18
CA SER A 37 -4.68 -9.68 12.18
C SER A 37 -3.23 -9.25 12.09
N ASP A 38 -2.47 -9.58 13.12
CA ASP A 38 -1.06 -9.25 13.20
C ASP A 38 -0.33 -9.94 12.07
N ALA A 39 0.55 -9.19 11.43
CA ALA A 39 1.34 -9.71 10.34
C ALA A 39 2.48 -10.51 10.92
N GLU A 40 3.00 -11.45 10.14
CA GLU A 40 4.14 -12.26 10.55
C GLU A 40 5.39 -11.44 10.25
N ILE A 41 6.49 -11.74 10.93
CA ILE A 41 7.73 -11.02 10.70
C ILE A 41 8.15 -11.30 9.25
N GLY A 42 8.50 -10.25 8.51
CA GLY A 42 8.93 -10.42 7.13
C GLY A 42 7.87 -10.80 6.11
N MET A 43 6.60 -10.70 6.51
CA MET A 43 5.49 -11.04 5.64
C MET A 43 5.26 -10.04 4.50
N SER A 44 5.61 -8.78 4.74
CA SER A 44 5.47 -7.72 3.74
C SER A 44 6.72 -6.86 3.79
N PRO A 45 7.82 -7.38 3.25
CA PRO A 45 9.09 -6.63 3.27
C PRO A 45 9.16 -5.36 2.41
N TRP A 46 8.10 -5.07 1.65
CA TRP A 46 8.03 -3.88 0.80
C TRP A 46 7.21 -2.77 1.46
N GLN A 47 6.58 -3.08 2.59
CA GLN A 47 5.76 -2.11 3.33
C GLN A 47 6.65 -0.99 3.87
N VAL A 48 6.23 0.24 3.61
CA VAL A 48 6.98 1.41 4.04
C VAL A 48 6.06 2.29 4.88
N MET A 49 6.66 3.04 5.80
CA MET A 49 5.90 3.95 6.64
C MET A 49 6.26 5.38 6.23
N LEU A 50 5.28 6.12 5.75
CA LEU A 50 5.49 7.52 5.36
C LEU A 50 5.39 8.25 6.69
N PHE A 51 6.48 8.87 7.11
CA PHE A 51 6.54 9.53 8.40
C PHE A 51 6.83 11.03 8.34
N ARG A 52 6.22 11.77 9.25
CA ARG A 52 6.39 13.21 9.36
C ARG A 52 7.55 13.56 10.28
N LYS A 53 8.32 14.59 9.92
CA LYS A 53 9.45 15.01 10.75
C LYS A 53 9.03 15.95 11.89
N SER A 54 8.17 16.94 11.60
CA SER A 54 7.70 17.89 12.62
C SER A 54 6.93 17.10 13.71
N PRO A 55 5.58 17.10 13.74
CA PRO A 55 5.15 16.25 14.86
C PRO A 55 5.38 14.81 14.40
N GLN A 56 6.42 14.18 14.95
CA GLN A 56 6.81 12.80 14.64
C GLN A 56 5.53 11.98 14.55
N GLU A 57 4.98 11.83 13.34
CA GLU A 57 3.74 11.11 13.14
C GLU A 57 3.65 10.24 11.89
N LEU A 58 2.86 9.18 11.98
CA LEU A 58 2.62 8.27 10.88
C LEU A 58 1.61 9.03 10.02
N LEU A 59 1.89 9.10 8.71
CA LEU A 59 1.02 9.80 7.77
C LEU A 59 0.25 8.80 6.89
N CYS A 60 1.00 7.90 6.26
CA CYS A 60 0.45 6.91 5.35
C CYS A 60 1.37 5.71 5.22
N GLY A 61 0.88 4.71 4.48
CA GLY A 61 1.67 3.54 4.18
C GLY A 61 2.26 3.86 2.81
N ALA A 62 3.09 2.98 2.29
CA ALA A 62 3.72 3.17 0.99
C ALA A 62 4.38 1.85 0.69
N SER A 63 5.07 1.75 -0.44
CA SER A 63 5.72 0.49 -0.80
C SER A 63 7.03 0.68 -1.51
N LEU A 64 7.94 -0.28 -1.31
CA LEU A 64 9.26 -0.26 -1.91
C LEU A 64 9.22 -1.00 -3.26
N ILE A 65 9.45 -0.28 -4.36
CA ILE A 65 9.46 -0.93 -5.67
C ILE A 65 10.86 -1.13 -6.22
N SER A 66 11.85 -0.51 -5.59
CA SER A 66 13.24 -0.67 -5.98
C SER A 66 14.12 -0.14 -4.85
N ASP A 67 15.43 -0.16 -5.04
CA ASP A 67 16.35 0.32 -4.01
C ASP A 67 16.24 1.81 -3.74
N ARG A 68 15.68 2.55 -4.69
CA ARG A 68 15.59 4.00 -4.53
C ARG A 68 14.22 4.62 -4.82
N TRP A 69 13.21 3.79 -5.06
CA TRP A 69 11.88 4.31 -5.37
C TRP A 69 10.79 3.76 -4.48
N VAL A 70 9.95 4.67 -3.98
CA VAL A 70 8.84 4.33 -3.12
C VAL A 70 7.55 4.79 -3.78
N LEU A 71 6.53 3.94 -3.78
CA LEU A 71 5.24 4.25 -4.39
C LEU A 71 4.20 4.55 -3.31
N THR A 72 3.38 5.56 -3.55
CA THR A 72 2.35 5.92 -2.58
C THR A 72 1.17 6.63 -3.26
N ALA A 73 0.17 7.00 -2.48
CA ALA A 73 -1.00 7.70 -2.98
C ALA A 73 -0.67 9.19 -2.97
N ALA A 74 -1.12 9.90 -4.00
CA ALA A 74 -0.85 11.32 -4.11
C ALA A 74 -1.55 12.11 -3.00
N HIS A 75 -2.68 11.61 -2.50
CA HIS A 75 -3.41 12.34 -1.46
C HIS A 75 -2.63 12.43 -0.14
N CYS A 76 -1.62 11.57 0.00
CA CYS A 76 -0.78 11.58 1.19
C CYS A 76 0.14 12.79 1.19
N LEU A 77 0.44 13.29 -0.01
CA LEU A 77 1.33 14.42 -0.19
C LEU A 77 0.64 15.72 -0.51
N LEU A 78 -0.51 15.64 -1.17
CA LEU A 78 -1.24 16.83 -1.59
C LEU A 78 -2.74 16.62 -1.52
N TYR A 79 -3.37 17.40 -0.66
CA TYR A 79 -4.80 17.34 -0.50
C TYR A 79 -5.26 18.71 0.00
N PRO A 80 -5.41 19.67 -0.91
CA PRO A 80 -5.84 21.04 -0.60
C PRO A 80 -7.06 21.17 0.30
N PRO A 81 -8.08 20.32 0.15
CA PRO A 81 -9.25 20.47 1.03
C PRO A 81 -8.91 20.45 2.52
N TRP A 82 -7.82 19.77 2.89
CA TRP A 82 -7.41 19.70 4.30
C TRP A 82 -6.13 20.49 4.56
N ASP A 83 -5.76 21.34 3.61
CA ASP A 83 -4.54 22.14 3.72
C ASP A 83 -3.28 21.30 3.86
N LYS A 84 -3.18 20.24 3.07
CA LYS A 84 -2.02 19.35 3.10
C LYS A 84 -1.26 19.46 1.79
N ASN A 85 0.02 19.79 1.89
CA ASN A 85 0.88 19.93 0.73
C ASN A 85 2.30 19.75 1.22
N PHE A 86 2.72 18.50 1.36
CA PHE A 86 4.05 18.16 1.85
C PHE A 86 5.13 18.17 0.79
N THR A 87 6.31 18.61 1.19
CA THR A 87 7.47 18.64 0.31
C THR A 87 8.48 17.61 0.82
N GLU A 88 9.54 17.37 0.06
CA GLU A 88 10.56 16.38 0.41
C GLU A 88 11.12 16.51 1.83
N ASN A 89 11.36 17.76 2.25
CA ASN A 89 11.94 17.99 3.55
C ASN A 89 11.01 17.90 4.75
N ASP A 90 9.73 17.65 4.51
CA ASP A 90 8.80 17.52 5.63
C ASP A 90 8.62 16.07 5.99
N LEU A 91 9.17 15.19 5.17
CA LEU A 91 8.98 13.76 5.38
C LEU A 91 10.21 12.86 5.32
N LEU A 92 10.03 11.65 5.84
CA LEU A 92 11.07 10.63 5.81
C LEU A 92 10.36 9.28 5.76
N VAL A 93 11.02 8.28 5.18
CA VAL A 93 10.43 6.95 5.09
C VAL A 93 11.16 5.96 5.98
N ARG A 94 10.38 5.11 6.63
CA ARG A 94 10.90 4.09 7.52
C ARG A 94 10.59 2.73 6.89
N ILE A 95 11.64 2.02 6.51
CA ILE A 95 11.52 0.73 5.84
C ILE A 95 12.00 -0.43 6.70
N GLY A 96 11.29 -1.56 6.66
CA GLY A 96 11.71 -2.73 7.43
C GLY A 96 11.02 -2.89 8.78
N LYS A 97 9.99 -2.10 9.01
CA LYS A 97 9.26 -2.11 10.27
C LYS A 97 8.20 -3.19 10.49
N HIS A 98 7.91 -3.42 11.77
CA HIS A 98 6.90 -4.37 12.19
C HIS A 98 6.12 -3.65 13.31
N SER A 99 6.86 -3.09 14.27
CA SER A 99 6.26 -2.34 15.37
C SER A 99 5.87 -0.97 14.85
N ARG A 100 4.70 -0.50 15.26
CA ARG A 100 4.21 0.80 14.83
C ARG A 100 4.95 1.99 15.45
N THR A 101 5.00 2.03 16.77
CA THR A 101 5.60 3.15 17.50
C THR A 101 7.09 3.06 17.83
N ARG A 102 7.59 1.84 17.95
CA ARG A 102 8.98 1.65 18.30
C ARG A 102 10.03 1.85 17.21
N TYR A 103 11.11 2.55 17.55
CA TYR A 103 12.20 2.72 16.60
C TYR A 103 12.93 1.37 16.65
N GLU A 104 12.76 0.56 15.61
CA GLU A 104 13.37 -0.77 15.59
C GLU A 104 14.85 -0.79 15.23
N ARG A 105 15.67 -0.61 16.25
CA ARG A 105 17.13 -0.58 16.18
C ARG A 105 17.72 -1.85 15.56
N ASN A 106 18.58 -1.65 14.57
CA ASN A 106 19.25 -2.74 13.83
C ASN A 106 18.37 -3.45 12.79
N ILE A 107 17.11 -3.05 12.70
CA ILE A 107 16.18 -3.68 11.77
C ILE A 107 15.65 -2.69 10.72
N GLU A 108 15.02 -1.62 11.15
CA GLU A 108 14.50 -0.63 10.24
C GLU A 108 15.55 0.35 9.73
N LYS A 109 15.30 0.92 8.57
CA LYS A 109 16.19 1.89 7.94
C LYS A 109 15.36 3.13 7.62
N ILE A 110 15.94 4.30 7.80
CA ILE A 110 15.26 5.56 7.54
C ILE A 110 15.92 6.24 6.36
N SER A 111 15.11 6.77 5.46
CA SER A 111 15.63 7.46 4.28
C SER A 111 14.98 8.82 4.10
N MET A 112 15.73 9.71 3.47
CA MET A 112 15.27 11.04 3.18
C MET A 112 14.85 11.07 1.72
N LEU A 113 13.90 11.92 1.41
CA LEU A 113 13.39 12.06 0.05
C LEU A 113 14.22 13.05 -0.74
N GLU A 114 14.52 12.69 -1.97
CA GLU A 114 15.28 13.54 -2.88
C GLU A 114 14.33 14.30 -3.81
N LYS A 115 13.24 13.64 -4.20
CA LYS A 115 12.26 14.23 -5.11
C LYS A 115 10.93 13.50 -5.06
N ILE A 116 9.84 14.26 -5.09
CA ILE A 116 8.49 13.71 -5.07
C ILE A 116 7.84 14.00 -6.42
N TYR A 117 7.17 13.00 -6.98
CA TYR A 117 6.51 13.14 -8.27
C TYR A 117 5.06 12.73 -8.12
N ILE A 118 4.17 13.70 -8.31
CA ILE A 118 2.72 13.46 -8.22
C ILE A 118 2.17 13.40 -9.64
N HIS A 119 1.26 12.48 -9.92
CA HIS A 119 0.70 12.39 -11.26
C HIS A 119 0.13 13.76 -11.66
N PRO A 120 0.52 14.28 -12.83
CA PRO A 120 0.06 15.58 -13.32
C PRO A 120 -1.46 15.73 -13.42
N ARG A 121 -2.16 14.63 -13.67
CA ARG A 121 -3.61 14.67 -13.78
C ARG A 121 -4.35 14.09 -12.57
N TYR A 122 -3.70 14.18 -11.40
CA TYR A 122 -4.26 13.72 -10.14
C TYR A 122 -5.49 14.61 -9.85
N ASN A 123 -6.67 14.01 -9.70
CA ASN A 123 -7.91 14.76 -9.47
C ASN A 123 -8.37 14.85 -8.01
N TRP A 124 -7.74 15.73 -7.23
CA TRP A 124 -8.10 15.90 -5.82
C TRP A 124 -9.40 16.67 -5.65
N ARG A 125 -9.74 17.48 -6.65
CA ARG A 125 -10.96 18.27 -6.60
C ARG A 125 -12.24 17.46 -6.57
N GLU A 126 -12.23 16.29 -7.20
CA GLU A 126 -13.46 15.51 -7.27
C GLU A 126 -13.50 14.09 -6.70
N ASN A 127 -12.78 13.16 -7.32
CA ASN A 127 -12.82 11.76 -6.91
C ASN A 127 -11.48 11.05 -6.70
N LEU A 128 -10.39 11.81 -6.56
CA LEU A 128 -9.04 11.25 -6.38
C LEU A 128 -8.63 10.32 -7.53
N ASP A 129 -9.02 10.69 -8.74
CA ASP A 129 -8.69 9.93 -9.93
C ASP A 129 -7.17 10.09 -10.13
N ARG A 130 -6.48 9.01 -10.46
CA ARG A 130 -5.01 9.02 -10.64
C ARG A 130 -4.30 9.37 -9.34
N ASP A 131 -4.76 8.75 -8.25
CA ASP A 131 -4.22 8.95 -6.91
C ASP A 131 -2.92 8.13 -6.81
N ILE A 132 -1.84 8.69 -7.33
CA ILE A 132 -0.55 7.99 -7.33
C ILE A 132 0.61 8.97 -7.28
N ALA A 133 1.68 8.59 -6.58
CA ALA A 133 2.86 9.43 -6.46
C ALA A 133 4.08 8.57 -6.26
N LEU A 134 5.20 9.02 -6.79
CA LEU A 134 6.47 8.34 -6.67
C LEU A 134 7.39 9.19 -5.84
N MET A 135 8.27 8.55 -5.08
CA MET A 135 9.23 9.26 -4.24
C MET A 135 10.61 8.67 -4.46
N LYS A 136 11.58 9.51 -4.79
CA LYS A 136 12.94 9.06 -5.01
C LYS A 136 13.72 9.25 -3.72
N LEU A 137 14.31 8.17 -3.23
CA LEU A 137 15.09 8.21 -2.00
C LEU A 137 16.44 8.86 -2.27
N LYS A 138 16.91 9.65 -1.32
CA LYS A 138 18.18 10.35 -1.46
C LYS A 138 19.34 9.37 -1.63
N LYS A 139 19.27 8.23 -0.93
CA LYS A 139 20.30 7.20 -1.03
C LYS A 139 19.61 5.84 -1.13
N PRO A 140 20.18 4.90 -1.90
CA PRO A 140 19.62 3.56 -2.07
C PRO A 140 19.57 2.80 -0.74
N VAL A 141 18.50 2.04 -0.54
CA VAL A 141 18.36 1.26 0.69
C VAL A 141 18.90 -0.15 0.43
N ALA A 142 19.53 -0.75 1.43
CA ALA A 142 20.05 -2.09 1.28
C ALA A 142 18.96 -3.07 1.68
N PHE A 143 18.81 -4.14 0.90
CA PHE A 143 17.80 -5.14 1.19
C PHE A 143 18.28 -6.05 2.30
N SER A 144 17.33 -6.74 2.90
CA SER A 144 17.64 -7.66 3.98
C SER A 144 16.47 -8.64 4.09
N ASP A 145 16.38 -9.34 5.20
CA ASP A 145 15.29 -10.28 5.41
C ASP A 145 13.95 -9.56 5.58
N TYR A 146 14.02 -8.30 6.01
CA TYR A 146 12.81 -7.49 6.29
C TYR A 146 12.56 -6.36 5.28
N ILE A 147 13.48 -6.16 4.36
CA ILE A 147 13.39 -5.12 3.35
C ILE A 147 13.60 -5.77 1.99
N HIS A 148 12.58 -5.69 1.14
CA HIS A 148 12.65 -6.29 -0.19
C HIS A 148 11.53 -5.70 -1.06
N PRO A 149 11.84 -5.33 -2.32
CA PRO A 149 10.82 -4.76 -3.20
C PRO A 149 9.76 -5.72 -3.74
N VAL A 150 8.60 -5.15 -4.05
CA VAL A 150 7.48 -5.91 -4.59
C VAL A 150 7.52 -5.67 -6.11
N CYS A 151 6.87 -6.54 -6.88
CA CYS A 151 6.85 -6.38 -8.32
C CYS A 151 5.68 -5.52 -8.81
N LEU A 152 5.90 -4.81 -9.91
CA LEU A 152 4.86 -4.00 -10.55
C LEU A 152 4.31 -4.95 -11.61
N PRO A 153 2.97 -5.05 -11.74
CA PRO A 153 2.36 -5.94 -12.72
C PRO A 153 2.53 -5.57 -14.19
N ASP A 154 2.46 -6.57 -15.04
CA ASP A 154 2.54 -6.38 -16.49
C ASP A 154 1.13 -6.67 -17.01
N ARG A 155 0.86 -6.30 -18.26
CA ARG A 155 -0.46 -6.49 -18.88
C ARG A 155 -1.11 -7.84 -18.59
N GLU A 156 -0.36 -8.91 -18.81
CA GLU A 156 -0.89 -10.25 -18.61
C GLU A 156 -1.17 -10.59 -17.15
N THR A 157 -0.33 -10.14 -16.24
CA THR A 157 -0.57 -10.42 -14.82
C THR A 157 -1.83 -9.68 -14.38
N ALA A 158 -1.96 -8.42 -14.81
CA ALA A 158 -3.13 -7.63 -14.45
C ALA A 158 -4.38 -8.31 -14.99
N ALA A 159 -4.34 -8.71 -16.26
CA ALA A 159 -5.47 -9.37 -16.91
C ALA A 159 -5.99 -10.60 -16.17
N SER A 160 -5.10 -11.53 -15.84
CA SER A 160 -5.52 -12.75 -15.16
C SER A 160 -5.82 -12.63 -13.68
N LEU A 161 -5.15 -11.73 -12.99
CA LEU A 161 -5.37 -11.59 -11.55
C LEU A 161 -6.46 -10.63 -11.11
N LEU A 162 -6.62 -9.52 -11.83
CA LEU A 162 -7.65 -8.54 -11.48
C LEU A 162 -9.06 -8.97 -11.86
N GLN A 163 -9.61 -9.94 -11.14
CA GLN A 163 -10.94 -10.43 -11.43
C GLN A 163 -11.81 -10.49 -10.18
N ALA A 164 -13.10 -10.20 -10.34
CA ALA A 164 -14.05 -10.20 -9.24
C ALA A 164 -13.98 -11.52 -8.51
N GLY A 165 -13.92 -11.47 -7.19
CA GLY A 165 -13.83 -12.68 -6.41
C GLY A 165 -12.41 -13.08 -6.03
N TYR A 166 -11.43 -12.66 -6.82
CA TYR A 166 -10.04 -12.98 -6.51
C TYR A 166 -9.62 -12.13 -5.32
N LYS A 167 -8.92 -12.74 -4.37
CA LYS A 167 -8.50 -12.00 -3.19
C LYS A 167 -7.13 -11.37 -3.27
N GLY A 168 -7.02 -10.21 -2.66
CA GLY A 168 -5.77 -9.48 -2.59
C GLY A 168 -5.50 -9.28 -1.11
N ARG A 169 -4.37 -8.67 -0.79
CA ARG A 169 -3.98 -8.44 0.60
C ARG A 169 -3.60 -7.00 0.83
N VAL A 170 -4.10 -6.43 1.92
CA VAL A 170 -3.79 -5.04 2.30
C VAL A 170 -3.10 -5.10 3.67
N THR A 171 -2.07 -4.27 3.84
CA THR A 171 -1.34 -4.23 5.11
C THR A 171 -1.15 -2.80 5.58
N GLY A 172 -1.07 -2.59 6.89
CA GLY A 172 -0.86 -1.24 7.39
C GLY A 172 -0.96 -1.08 8.89
N TRP A 173 -0.53 0.09 9.38
CA TRP A 173 -0.53 0.42 10.80
C TRP A 173 -1.63 1.41 11.15
N GLY A 174 -2.63 1.53 10.28
CA GLY A 174 -3.71 2.46 10.51
C GLY A 174 -4.68 2.04 11.57
N ASN A 175 -5.71 2.84 11.76
CA ASN A 175 -6.74 2.59 12.76
C ASN A 175 -7.43 1.26 12.59
N LEU A 176 -7.74 0.66 13.73
CA LEU A 176 -8.40 -0.64 13.79
C LEU A 176 -9.90 -0.51 13.74
N LYS A 177 -10.37 0.73 13.82
CA LYS A 177 -11.79 0.99 13.80
C LYS A 177 -11.97 2.40 13.26
N GLU A 178 -13.14 2.64 12.68
CA GLU A 178 -13.47 3.93 12.10
C GLU A 178 -13.67 4.98 13.21
N GLY A 187 -8.00 1.09 19.02
CA GLY A 187 -7.41 2.36 18.56
C GLY A 187 -6.40 2.10 17.46
N GLN A 188 -5.12 2.16 17.84
CA GLN A 188 -4.00 1.94 16.92
C GLN A 188 -3.44 0.55 17.27
N PRO A 189 -2.90 -0.17 16.26
CA PRO A 189 -2.33 -1.51 16.49
C PRO A 189 -0.92 -1.41 17.04
N SER A 190 -0.43 -2.46 17.69
CA SER A 190 0.94 -2.42 18.19
C SER A 190 1.89 -2.82 17.06
N VAL A 191 1.44 -3.69 16.18
CA VAL A 191 2.25 -4.14 15.04
C VAL A 191 1.47 -4.09 13.73
N LEU A 192 2.18 -4.32 12.62
CA LEU A 192 1.59 -4.32 11.29
C LEU A 192 0.41 -5.28 11.18
N GLN A 193 -0.70 -4.78 10.64
CA GLN A 193 -1.91 -5.59 10.45
C GLN A 193 -2.03 -6.02 9.00
N VAL A 194 -2.78 -7.09 8.77
CA VAL A 194 -2.99 -7.62 7.42
C VAL A 194 -4.42 -8.13 7.27
N VAL A 195 -5.02 -7.89 6.10
CA VAL A 195 -6.37 -8.39 5.82
C VAL A 195 -6.42 -8.76 4.34
N ASN A 196 -7.05 -9.89 4.04
CA ASN A 196 -7.20 -10.36 2.66
C ASN A 196 -8.64 -10.03 2.24
N LEU A 197 -8.79 -9.37 1.10
CA LEU A 197 -10.13 -8.97 0.64
C LEU A 197 -10.36 -9.32 -0.82
N PRO A 198 -11.59 -9.72 -1.16
CA PRO A 198 -11.93 -10.08 -2.54
C PRO A 198 -12.16 -8.85 -3.42
N ILE A 199 -11.79 -8.96 -4.70
CA ILE A 199 -12.01 -7.86 -5.64
C ILE A 199 -13.52 -7.90 -5.93
N VAL A 200 -14.16 -6.74 -6.03
CA VAL A 200 -15.59 -6.63 -6.28
C VAL A 200 -15.91 -6.16 -7.70
N GLU A 201 -17.04 -6.62 -8.24
CA GLU A 201 -17.49 -6.26 -9.58
C GLU A 201 -17.70 -4.77 -9.69
N ARG A 202 -17.26 -4.19 -10.80
CA ARG A 202 -17.40 -2.75 -11.04
C ARG A 202 -18.81 -2.18 -10.85
N PRO A 203 -19.86 -2.88 -11.35
CA PRO A 203 -21.23 -2.37 -11.18
C PRO A 203 -21.58 -2.23 -9.70
N VAL A 204 -21.16 -3.20 -8.90
CA VAL A 204 -21.41 -3.18 -7.47
C VAL A 204 -20.66 -2.01 -6.82
N CYS A 205 -19.45 -1.74 -7.29
CA CYS A 205 -18.65 -0.63 -6.77
C CYS A 205 -19.37 0.70 -7.07
N LYS A 206 -19.78 0.88 -8.32
CA LYS A 206 -20.47 2.09 -8.76
C LYS A 206 -21.78 2.32 -7.99
N ASP A 207 -22.57 1.26 -7.87
CA ASP A 207 -23.86 1.33 -7.18
C ASP A 207 -23.81 1.50 -5.66
N SER A 208 -22.60 1.56 -5.09
CA SER A 208 -22.48 1.71 -3.64
C SER A 208 -22.15 3.14 -3.23
N THR A 209 -21.93 4.01 -4.21
CA THR A 209 -21.56 5.37 -3.89
C THR A 209 -22.09 6.39 -4.89
N ARG A 210 -22.09 7.66 -4.51
CA ARG A 210 -22.55 8.75 -5.37
C ARG A 210 -21.34 9.32 -6.10
N ILE A 211 -20.14 8.94 -5.65
CA ILE A 211 -18.88 9.41 -6.24
C ILE A 211 -18.67 8.79 -7.62
N ARG A 212 -18.22 9.59 -8.58
CA ARG A 212 -17.97 9.09 -9.93
C ARG A 212 -16.67 8.28 -9.93
N ILE A 213 -16.78 6.97 -10.14
CA ILE A 213 -15.57 6.15 -10.18
C ILE A 213 -15.06 6.01 -11.61
N THR A 214 -13.75 5.99 -11.78
CA THR A 214 -13.16 5.90 -13.11
C THR A 214 -12.49 4.54 -13.32
N ASP A 215 -11.90 4.36 -14.50
CA ASP A 215 -11.22 3.12 -14.86
C ASP A 215 -9.89 2.97 -14.14
N ASN A 216 -9.43 4.06 -13.55
CA ASN A 216 -8.17 4.07 -12.81
C ASN A 216 -8.35 3.66 -11.35
N MET A 217 -9.50 3.07 -11.03
CA MET A 217 -9.82 2.63 -9.67
C MET A 217 -10.50 1.28 -9.74
N PHE A 218 -10.48 0.57 -8.61
CA PHE A 218 -11.19 -0.68 -8.46
C PHE A 218 -11.52 -0.72 -6.97
N CYS A 219 -12.56 -1.46 -6.62
CA CYS A 219 -12.94 -1.52 -5.21
C CYS A 219 -12.84 -2.96 -4.72
N ALA A 220 -12.63 -3.12 -3.42
CA ALA A 220 -12.50 -4.45 -2.83
C ALA A 220 -13.15 -4.51 -1.46
N GLY A 221 -13.58 -5.71 -1.08
CA GLY A 221 -14.21 -5.89 0.20
C GLY A 221 -15.31 -6.92 0.15
N TYR A 222 -15.81 -7.30 1.31
CA TYR A 222 -16.87 -8.29 1.39
C TYR A 222 -18.24 -7.60 1.31
N LYS A 223 -19.20 -8.29 0.70
CA LYS A 223 -20.55 -7.79 0.56
C LYS A 223 -21.24 -8.10 1.88
N PRO A 224 -22.27 -7.32 2.24
CA PRO A 224 -23.02 -7.51 3.50
C PRO A 224 -23.46 -8.95 3.77
N ASP A 225 -23.82 -9.67 2.73
CA ASP A 225 -24.28 -11.04 2.90
C ASP A 225 -23.16 -12.07 3.04
N GLU A 226 -21.95 -11.71 2.63
CA GLU A 226 -20.82 -12.64 2.71
C GLU A 226 -20.34 -13.01 4.11
N GLY A 227 -20.84 -12.31 5.12
CA GLY A 227 -20.43 -12.62 6.48
C GLY A 227 -19.11 -12.00 6.92
N LYS A 228 -18.03 -12.29 6.19
CA LYS A 228 -16.73 -11.76 6.53
C LYS A 228 -16.66 -10.23 6.41
N ARG A 229 -15.74 -9.62 7.15
CA ARG A 229 -15.55 -8.17 7.15
C ARG A 229 -14.08 -7.83 6.91
N GLY A 230 -13.76 -6.54 6.91
CA GLY A 230 -12.39 -6.11 6.72
C GLY A 230 -12.27 -4.91 5.79
N ASP A 231 -11.33 -4.02 6.07
CA ASP A 231 -11.14 -2.84 5.25
C ASP A 231 -9.91 -2.08 5.73
N ALA A 232 -9.46 -1.14 4.91
CA ALA A 232 -8.35 -0.30 5.30
C ALA A 232 -9.02 0.84 6.09
N CYS A 233 -8.23 1.73 6.65
CA CYS A 233 -8.79 2.84 7.42
C CYS A 233 -7.75 3.93 7.46
N GLU A 234 -8.02 5.01 8.19
CA GLU A 234 -7.08 6.12 8.31
C GLU A 234 -5.73 5.59 8.76
N GLY A 235 -4.68 6.08 8.12
CA GLY A 235 -3.34 5.63 8.46
C GLY A 235 -2.83 4.58 7.49
N ASP A 236 -3.76 3.87 6.84
CA ASP A 236 -3.43 2.82 5.87
C ASP A 236 -3.24 3.30 4.44
N SER A 237 -3.91 4.40 4.08
CA SER A 237 -3.85 4.93 2.72
C SER A 237 -2.42 5.08 2.23
N GLY A 238 -2.24 4.92 0.92
CA GLY A 238 -0.93 5.00 0.31
C GLY A 238 -0.28 3.62 0.30
N GLY A 239 -0.82 2.71 1.12
CA GLY A 239 -0.31 1.36 1.24
C GLY A 239 -0.58 0.45 0.05
N PRO A 240 0.07 -0.72 -0.01
CA PRO A 240 -0.11 -1.65 -1.12
C PRO A 240 -1.21 -2.69 -1.02
N PHE A 241 -1.82 -2.99 -2.17
CA PHE A 241 -2.83 -4.03 -2.29
C PHE A 241 -2.05 -4.99 -3.18
N VAL A 242 -1.71 -6.16 -2.66
CA VAL A 242 -0.91 -7.10 -3.44
C VAL A 242 -1.59 -8.42 -3.67
N MET A 243 -1.11 -9.14 -4.67
CA MET A 243 -1.64 -10.46 -5.00
C MET A 243 -0.45 -11.36 -5.32
N LYS A 244 -0.56 -12.64 -5.01
CA LYS A 244 0.51 -13.57 -5.31
C LYS A 244 0.16 -14.29 -6.59
N SER A 245 1.03 -14.18 -7.58
CA SER A 245 0.79 -14.83 -8.85
C SER A 245 0.94 -16.34 -8.72
N PRO A 246 -0.07 -17.09 -9.18
CA PRO A 246 0.00 -18.56 -9.11
C PRO A 246 0.89 -19.16 -10.21
N PHE A 247 1.35 -18.31 -11.13
CA PHE A 247 2.20 -18.75 -12.24
C PHE A 247 3.68 -18.72 -11.93
N ASN A 248 4.14 -17.66 -11.26
CA ASN A 248 5.56 -17.57 -10.94
C ASN A 248 5.86 -17.37 -9.46
N ASN A 249 4.81 -17.41 -8.64
CA ASN A 249 4.93 -17.25 -7.19
C ASN A 249 5.47 -15.94 -6.65
N ARG A 250 5.42 -14.88 -7.44
CA ARG A 250 5.90 -13.59 -6.97
C ARG A 250 4.72 -12.74 -6.54
N TRP A 251 4.97 -11.79 -5.65
CA TRP A 251 3.93 -10.89 -5.18
C TRP A 251 3.94 -9.66 -6.06
N TYR A 252 2.76 -9.24 -6.48
CA TYR A 252 2.61 -8.08 -7.37
C TYR A 252 1.72 -7.05 -6.72
N GLN A 253 2.07 -5.77 -6.86
CA GLN A 253 1.22 -4.74 -6.30
C GLN A 253 0.19 -4.32 -7.36
N MET A 254 -1.07 -4.69 -7.13
CA MET A 254 -2.14 -4.36 -8.06
C MET A 254 -2.81 -3.03 -7.77
N GLY A 255 -2.82 -2.64 -6.50
CA GLY A 255 -3.44 -1.38 -6.12
C GLY A 255 -2.74 -0.62 -5.00
N ILE A 256 -3.19 0.61 -4.78
CA ILE A 256 -2.67 1.49 -3.73
C ILE A 256 -3.92 1.88 -2.94
N VAL A 257 -3.90 1.73 -1.62
CA VAL A 257 -5.05 2.11 -0.81
C VAL A 257 -5.37 3.58 -1.09
N SER A 258 -6.53 3.83 -1.69
CA SER A 258 -6.91 5.18 -2.05
C SER A 258 -7.92 5.81 -1.11
N TRP A 259 -9.21 5.65 -1.40
CA TRP A 259 -10.25 6.24 -0.57
C TRP A 259 -11.35 5.27 -0.20
N GLY A 260 -12.21 5.71 0.71
CA GLY A 260 -13.32 4.90 1.13
C GLY A 260 -14.23 5.79 1.92
N GLU A 261 -15.49 5.38 2.06
CA GLU A 261 -16.44 6.16 2.82
C GLU A 261 -16.52 5.49 4.17
N GLY A 262 -15.71 5.98 5.09
CA GLY A 262 -15.65 5.38 6.41
C GLY A 262 -14.72 4.17 6.33
N CYS A 263 -14.80 3.28 7.32
CA CYS A 263 -13.96 2.08 7.35
C CYS A 263 -14.86 0.91 7.72
N ASP A 264 -14.82 -0.14 6.91
CA ASP A 264 -15.59 -1.36 7.17
C ASP A 264 -17.10 -1.17 7.30
N ARG A 265 -17.66 -0.16 6.64
CA ARG A 265 -19.10 0.09 6.70
C ARG A 265 -19.84 -0.90 5.79
N ASP A 266 -20.97 -1.43 6.26
CA ASP A 266 -21.75 -2.37 5.45
C ASP A 266 -22.22 -1.68 4.17
N GLY A 267 -22.11 -2.39 3.05
CA GLY A 267 -22.52 -1.85 1.77
C GLY A 267 -21.52 -0.90 1.13
N LYS A 268 -20.44 -0.59 1.83
CA LYS A 268 -19.42 0.31 1.30
C LYS A 268 -18.17 -0.52 0.96
N TYR A 269 -17.32 0.00 0.09
CA TYR A 269 -16.12 -0.73 -0.30
C TYR A 269 -14.92 0.19 -0.32
N GLY A 270 -13.74 -0.38 -0.11
CA GLY A 270 -12.53 0.43 -0.17
C GLY A 270 -12.16 0.57 -1.63
N PHE A 271 -11.68 1.75 -2.02
CA PHE A 271 -11.26 1.98 -3.40
C PHE A 271 -9.75 2.05 -3.49
N TYR A 272 -9.23 1.51 -4.60
CA TYR A 272 -7.80 1.45 -4.80
C TYR A 272 -7.37 1.99 -6.17
N THR A 273 -6.20 2.61 -6.22
CA THR A 273 -5.66 3.11 -7.48
C THR A 273 -5.24 1.90 -8.30
N HIS A 274 -5.66 1.87 -9.57
CA HIS A 274 -5.36 0.77 -10.48
C HIS A 274 -3.93 0.95 -10.98
N VAL A 275 -2.98 0.32 -10.31
CA VAL A 275 -1.56 0.45 -10.63
C VAL A 275 -1.17 0.19 -12.08
N PHE A 276 -1.66 -0.89 -12.66
CA PHE A 276 -1.31 -1.19 -14.04
C PHE A 276 -1.70 -0.10 -15.05
N ARG A 277 -2.91 0.46 -14.93
CA ARG A 277 -3.35 1.51 -15.86
C ARG A 277 -2.49 2.74 -15.81
N LEU A 278 -1.74 2.92 -14.72
CA LEU A 278 -0.89 4.10 -14.59
C LEU A 278 0.60 3.73 -14.71
N LYS A 279 0.86 2.47 -15.08
CA LYS A 279 2.23 1.99 -15.19
C LYS A 279 3.11 2.78 -16.16
N LYS A 280 2.55 3.22 -17.28
CA LYS A 280 3.34 3.99 -18.24
C LYS A 280 3.85 5.28 -17.62
N TRP A 281 3.05 5.89 -16.75
CA TRP A 281 3.48 7.10 -16.09
C TRP A 281 4.64 6.77 -15.14
N ILE A 282 4.52 5.64 -14.45
CA ILE A 282 5.56 5.20 -13.52
C ILE A 282 6.87 5.04 -14.29
N GLN A 283 6.87 4.19 -15.31
CA GLN A 283 8.06 3.93 -16.13
C GLN A 283 8.67 5.21 -16.69
N LYS A 284 7.82 6.09 -17.17
CA LYS A 284 8.26 7.36 -17.74
C LYS A 284 9.04 8.19 -16.71
N VAL A 285 8.53 8.28 -15.49
CA VAL A 285 9.16 9.03 -14.41
C VAL A 285 10.51 8.45 -14.04
N ILE A 286 10.55 7.13 -13.88
CA ILE A 286 11.77 6.44 -13.50
C ILE A 286 12.79 6.43 -14.64
N ASP A 287 12.30 6.52 -15.87
CA ASP A 287 13.20 6.51 -17.03
C ASP A 287 13.74 7.89 -17.39
N GLN A 288 13.29 8.93 -16.69
CA GLN A 288 13.76 10.27 -16.99
C GLN A 288 14.44 10.92 -15.80
N PHE A 289 14.01 10.54 -14.61
CA PHE A 289 14.55 11.08 -13.37
C PHE A 289 15.33 10.02 -12.58
C1 BBS B 1 -14.62 12.44 -2.12
C2 BBS B 1 -13.37 11.71 -1.70
C3 BBS B 1 -13.23 10.46 -2.53
C4 BBS B 1 -12.18 12.60 -1.94
CD2 BBS B 1 -12.73 12.00 0.70
CE2 BBS B 1 -12.80 11.59 2.01
CZ BBS B 1 -13.60 10.53 2.38
CE1 BBS B 1 -14.34 9.87 1.42
CD1 BBS B 1 -14.28 10.26 0.09
CG BBS B 1 -13.46 11.32 -0.29
S BBS B 1 -13.62 10.00 3.97
O1 BBS B 1 -12.97 11.14 4.85
O2 BBS B 1 -15.09 9.65 4.36
N ARG B 2 -12.72 8.67 3.96
CA ARG B 2 -11.27 8.75 4.24
C ARG B 2 -10.64 8.91 2.89
N CPI B 3 -9.58 9.73 2.77
CE CPI B 3 -8.67 9.64 1.59
CD CPI B 3 -8.78 10.99 0.92
CG CPI B 3 -8.18 11.90 1.91
CB CPI B 3 -8.79 11.91 3.28
CA CPI B 3 -9.01 10.51 3.87
C CPI B 3 -7.73 9.91 4.43
O CPI B 3 -7.45 8.70 4.21
N NLE B 4 -6.93 10.70 5.12
CA NLE B 4 -5.70 10.25 5.70
C NLE B 4 -5.53 10.26 7.22
O NLE B 4 -6.40 10.80 7.92
CB NLE B 4 -4.42 10.73 4.98
CG NLE B 4 -4.29 12.22 4.92
CD NLE B 4 -3.00 12.63 4.24
CE NLE B 4 -2.67 14.09 4.08
N DOA B 5 -4.45 9.70 7.75
C1 DOA B 5 -4.13 9.61 9.17
C2 DOA B 5 -3.13 10.69 9.61
C3 DOA B 5 -2.26 10.21 10.78
C4 DOA B 5 -2.76 10.66 12.16
C5 DOA B 5 -1.81 10.21 13.31
C6 DOA B 5 -2.32 10.71 14.66
C7 DOA B 5 -1.64 10.06 15.88
C8 DOA B 5 -0.32 10.71 16.27
C9 DOA B 5 0.11 10.35 17.70
C10 DOA B 5 1.49 10.91 18.03
CA2 DOA B 5 1.78 11.03 19.53
C DOA B 5 2.43 9.78 20.15
O DOA B 5 3.49 9.89 20.77
N ASP B 6 1.80 8.63 19.95
CA ASP B 6 2.28 7.35 20.49
C ASP B 6 3.70 6.95 20.08
N TYR B 7 4.24 7.65 19.09
CA TYR B 7 5.56 7.34 18.54
C TYR B 7 6.83 7.68 19.31
N GLU B 8 7.69 6.68 19.44
CA GLU B 8 8.97 6.81 20.10
C GLU B 8 9.90 7.63 19.21
N PRO B 9 10.53 8.67 19.75
CA PRO B 9 11.43 9.52 18.97
C PRO B 9 12.50 8.74 18.22
N ILE B 10 12.94 9.32 17.10
CA ILE B 10 13.97 8.70 16.29
C ILE B 10 15.31 9.31 16.65
N PRO B 11 16.28 8.47 17.08
CA PRO B 11 17.62 8.94 17.46
C PRO B 11 18.29 9.51 16.20
N GLU B 12 19.34 10.30 16.37
CA GLU B 12 20.05 10.88 15.24
C GLU B 12 20.85 9.86 14.45
N GLU B 13 20.17 8.81 13.98
CA GLU B 13 20.78 7.78 13.18
C GLU B 13 19.94 7.81 11.91
N ALA B 14 20.04 8.96 11.24
CA ALA B 14 19.36 9.35 10.00
C ALA B 14 18.87 10.76 10.29
N ALA B 15 17.74 10.87 11.00
CA ALA B 15 17.14 12.15 11.39
C ALA B 15 15.72 11.94 11.94
#